data_9BC1
#
_entry.id   9BC1
#
_cell.length_a   55.210
_cell.length_b   98.637
_cell.length_c   59.136
_cell.angle_alpha   90.000
_cell.angle_beta   107.821
_cell.angle_gamma   90.000
#
_symmetry.space_group_name_H-M   'P 1 21 1'
#
loop_
_entity.id
_entity.type
_entity.pdbx_description
1 polymer '3C-like proteinase nsp5'
2 polymer 'peptide mimetic inhibitor'
3 water water
#
loop_
_entity_poly.entity_id
_entity_poly.type
_entity_poly.pdbx_seq_one_letter_code
_entity_poly.pdbx_strand_id
1 'polypeptide(L)'
;SGFRKMAFPSGKVEGCMVQVTCGTTTLNGLWLDDVVYCPRHVICTSEDMLNPNYEDLLIRKSNHNFLVQAGNVQLRVIGH
SMQNCVLKLKVDTANPKTPKYKFVRIQPGQTFSVLACYNGSPSGVYQCAMRPNFTIKGSFLNGSCGSVGFNIDYDCVSFC
YMHHMELPTGVHAGTDLEGNFYGPFVDRQTAQAAGTDTTITVNVLAWLYAAVINGDRWFLNRFTTTLNDFNLVAMKYNYE
PLTQDHVDILGPLSAQTGIAVLDMCASLKELLQNGMNGRTILGSALLEDEFTPFDVVRQCSGVTFQ
;
A,B
2 'polypeptide(L)' (ACE)(ABA)(DTY)L(A1AMA) C,D
#
loop_
_chem_comp.id
_chem_comp.type
_chem_comp.name
_chem_comp.formula
A1AMA non-polymer (4S)-4-amino-6-(methanesulfonyl)hexanamide 'C7 H16 N2 O3 S'
ACE non-polymer 'ACETYL GROUP' 'C2 H4 O'
#
# COMPACT_ATOMS: atom_id res chain seq x y z
N GLY A 2 18.52 -30.00 -4.03
CA GLY A 2 17.33 -29.91 -3.20
C GLY A 2 16.87 -28.47 -3.06
N PHE A 3 15.57 -28.29 -2.88
CA PHE A 3 14.95 -26.97 -2.70
C PHE A 3 14.35 -26.90 -1.30
N ARG A 4 14.88 -26.00 -0.48
CA ARG A 4 14.46 -25.86 0.90
C ARG A 4 14.20 -24.38 1.20
N LYS A 5 13.22 -24.11 2.05
CA LYS A 5 13.15 -22.76 2.61
C LYS A 5 14.34 -22.58 3.54
N MET A 6 15.20 -21.61 3.23
CA MET A 6 16.46 -21.41 3.92
C MET A 6 16.49 -20.03 4.56
N ALA A 7 16.89 -19.95 5.83
CA ALA A 7 17.04 -18.65 6.46
C ALA A 7 18.47 -18.13 6.24
N PHE A 8 18.66 -16.81 6.41
CA PHE A 8 20.02 -16.30 6.49
C PHE A 8 20.67 -16.73 7.79
N PRO A 9 22.01 -16.89 7.80
CA PRO A 9 22.70 -17.10 9.08
C PRO A 9 22.35 -15.95 10.01
N SER A 10 22.01 -16.27 11.24
CA SER A 10 21.40 -15.28 12.12
C SER A 10 22.39 -14.58 13.04
N GLY A 11 23.68 -14.92 12.98
CA GLY A 11 24.61 -14.46 14.02
C GLY A 11 24.71 -12.95 14.13
N LYS A 12 24.75 -12.26 12.99
CA LYS A 12 24.86 -10.81 13.01
C LYS A 12 23.68 -10.17 13.73
N VAL A 13 22.49 -10.79 13.64
CA VAL A 13 21.31 -10.24 14.31
C VAL A 13 21.28 -10.67 15.77
N GLU A 14 21.63 -11.93 16.05
CA GLU A 14 21.72 -12.41 17.42
C GLU A 14 22.53 -11.46 18.29
N GLY A 15 23.65 -10.95 17.77
CA GLY A 15 24.47 -10.03 18.52
C GLY A 15 23.85 -8.66 18.78
N CYS A 16 22.64 -8.42 18.29
CA CYS A 16 21.93 -7.16 18.46
C CYS A 16 20.69 -7.28 19.32
N MET A 17 20.34 -8.47 19.77
CA MET A 17 19.07 -8.61 20.49
C MET A 17 19.24 -8.30 21.96
N VAL A 18 18.32 -7.52 22.51
CA VAL A 18 18.30 -7.21 23.95
C VAL A 18 16.86 -7.36 24.46
N GLN A 19 16.71 -7.19 25.78
CA GLN A 19 15.43 -7.23 26.45
C GLN A 19 15.10 -5.82 26.91
N VAL A 20 13.83 -5.40 26.77
CA VAL A 20 13.36 -4.11 27.25
C VAL A 20 12.16 -4.36 28.16
N THR A 21 12.20 -3.77 29.36
CA THR A 21 11.11 -3.91 30.31
C THR A 21 10.69 -2.54 30.81
N CYS A 22 9.38 -2.39 30.94
CA CYS A 22 8.79 -1.25 31.62
CA CYS A 22 8.74 -1.25 31.58
C CYS A 22 7.73 -1.80 32.57
N GLY A 23 7.92 -1.52 33.86
CA GLY A 23 7.04 -2.14 34.85
C GLY A 23 7.20 -3.65 34.80
N THR A 24 6.10 -4.35 34.52
CA THR A 24 6.15 -5.80 34.32
C THR A 24 6.02 -6.19 32.85
N THR A 25 5.96 -5.24 31.92
CA THR A 25 5.85 -5.56 30.51
C THR A 25 7.26 -5.72 29.94
N THR A 26 7.52 -6.89 29.35
CA THR A 26 8.84 -7.17 28.80
C THR A 26 8.72 -7.63 27.34
N LEU A 27 9.64 -7.16 26.50
CA LEU A 27 9.70 -7.66 25.13
C LEU A 27 11.13 -7.52 24.66
N ASN A 28 11.36 -7.74 23.35
CA ASN A 28 12.68 -7.66 22.75
C ASN A 28 12.94 -6.30 22.11
N GLY A 29 14.22 -5.93 22.09
CA GLY A 29 14.67 -4.77 21.34
C GLY A 29 15.89 -5.08 20.51
N LEU A 30 16.17 -4.16 19.59
CA LEU A 30 17.27 -4.29 18.63
C LEU A 30 18.31 -3.22 18.94
N TRP A 31 19.51 -3.63 19.30
CA TRP A 31 20.56 -2.73 19.77
C TRP A 31 21.57 -2.53 18.64
N LEU A 32 21.56 -1.33 18.04
CA LEU A 32 22.45 -0.99 16.95
C LEU A 32 23.15 0.32 17.30
N ASP A 33 24.48 0.30 17.27
CA ASP A 33 25.25 1.45 17.75
C ASP A 33 24.78 1.75 19.18
N ASP A 34 24.40 2.99 19.51
CA ASP A 34 23.99 3.33 20.87
C ASP A 34 22.48 3.56 20.97
N VAL A 35 21.69 2.88 20.12
CA VAL A 35 20.23 3.03 20.15
C VAL A 35 19.61 1.65 20.21
N VAL A 36 18.55 1.52 21.01
CA VAL A 36 17.77 0.29 21.10
C VAL A 36 16.39 0.59 20.55
N TYR A 37 15.93 -0.23 19.60
CA TYR A 37 14.64 -0.05 18.97
C TYR A 37 13.67 -1.13 19.44
N CYS A 38 12.43 -0.78 19.80
CA CYS A 38 11.51 -1.81 20.27
C CYS A 38 10.06 -1.33 20.08
N PRO A 39 9.07 -2.22 20.19
CA PRO A 39 7.68 -1.78 20.02
C PRO A 39 7.26 -0.83 21.13
N ARG A 40 6.50 0.20 20.78
CA ARG A 40 6.16 1.18 21.82
C ARG A 40 5.19 0.64 22.87
N HIS A 41 4.47 -0.47 22.60
CA HIS A 41 3.55 -0.96 23.63
C HIS A 41 4.27 -1.53 24.84
N VAL A 42 5.60 -1.57 24.86
CA VAL A 42 6.27 -1.91 26.09
C VAL A 42 5.88 -0.95 27.21
N ILE A 43 5.43 0.27 26.89
CA ILE A 43 5.08 1.22 27.97
C ILE A 43 3.69 0.98 28.55
N CYS A 44 2.99 -0.05 28.13
CA CYS A 44 1.61 -0.33 28.54
C CYS A 44 1.52 -1.44 29.57
N THR A 45 0.62 -1.26 30.55
CA THR A 45 0.14 -2.44 31.27
C THR A 45 -0.84 -3.20 30.38
N SER A 46 -1.19 -4.42 30.81
CA SER A 46 -2.14 -5.19 30.01
C SER A 46 -3.46 -4.45 29.85
N GLU A 47 -3.92 -3.76 30.91
CA GLU A 47 -5.16 -3.00 30.81
C GLU A 47 -4.99 -1.75 29.93
N ASP A 48 -3.79 -1.15 29.95
CA ASP A 48 -3.47 -0.02 29.07
C ASP A 48 -3.67 -0.38 27.60
N MET A 49 -3.35 -1.61 27.21
CA MET A 49 -3.33 -2.00 25.80
C MET A 49 -4.71 -2.03 25.17
N LEU A 50 -5.76 -2.09 25.99
CA LEU A 50 -7.11 -2.08 25.44
C LEU A 50 -7.38 -0.82 24.62
N ASN A 51 -6.93 0.34 25.11
CA ASN A 51 -7.25 1.62 24.50
C ASN A 51 -6.18 2.63 24.85
N PRO A 52 -4.96 2.47 24.33
CA PRO A 52 -3.84 3.30 24.80
C PRO A 52 -3.77 4.64 24.12
N ASN A 53 -3.41 5.66 24.89
CA ASN A 53 -2.98 6.95 24.36
C ASN A 53 -1.47 7.01 24.55
N TYR A 54 -0.72 6.64 23.51
CA TYR A 54 0.72 6.46 23.66
C TYR A 54 1.42 7.75 24.03
N GLU A 55 1.02 8.87 23.43
CA GLU A 55 1.64 10.16 23.77
C GLU A 55 1.47 10.45 25.26
N ASP A 56 0.23 10.28 25.76
CA ASP A 56 -0.06 10.47 27.18
C ASP A 56 0.75 9.51 28.05
N LEU A 57 0.82 8.24 27.65
CA LEU A 57 1.56 7.26 28.46
C LEU A 57 3.04 7.57 28.49
N LEU A 58 3.59 8.05 27.37
CA LEU A 58 5.04 8.25 27.26
C LEU A 58 5.47 9.53 27.96
N ILE A 59 4.61 10.55 28.01
CA ILE A 59 5.00 11.76 28.70
C ILE A 59 5.17 11.48 30.19
N ARG A 60 4.56 10.41 30.69
CA ARG A 60 4.71 10.05 32.08
C ARG A 60 6.03 9.32 32.35
N LYS A 61 6.70 8.82 31.31
CA LYS A 61 7.90 8.02 31.47
C LYS A 61 9.15 8.90 31.37
N SER A 62 10.19 8.49 32.09
CA SER A 62 11.51 9.09 31.91
C SER A 62 12.51 7.99 31.62
N ASN A 63 13.73 8.41 31.29
CA ASN A 63 14.78 7.44 30.98
C ASN A 63 14.89 6.37 32.07
N HIS A 64 14.70 6.76 33.32
CA HIS A 64 14.97 5.83 34.39
C HIS A 64 13.86 4.80 34.59
N ASN A 65 12.76 4.88 33.85
CA ASN A 65 11.72 3.87 33.90
C ASN A 65 11.96 2.69 32.96
N PHE A 66 13.02 2.71 32.15
CA PHE A 66 13.25 1.69 31.15
C PHE A 66 14.41 0.80 31.55
N LEU A 67 14.17 -0.50 31.58
CA LEU A 67 15.20 -1.49 31.90
C LEU A 67 15.60 -2.18 30.59
N VAL A 68 16.81 -1.91 30.13
CA VAL A 68 17.38 -2.57 28.94
C VAL A 68 18.48 -3.50 29.39
N GLN A 69 18.41 -4.77 28.99
CA GLN A 69 19.40 -5.73 29.43
C GLN A 69 19.89 -6.51 28.23
N ALA A 70 21.21 -6.68 28.15
CA ALA A 70 21.84 -7.63 27.22
C ALA A 70 22.25 -8.80 28.10
N GLY A 71 21.49 -9.88 28.02
CA GLY A 71 21.61 -10.90 29.05
C GLY A 71 21.26 -10.30 30.40
N ASN A 72 22.11 -10.52 31.38
CA ASN A 72 21.93 -9.91 32.70
C ASN A 72 22.60 -8.54 32.82
N VAL A 73 23.21 -8.03 31.75
CA VAL A 73 23.94 -6.76 31.82
C VAL A 73 22.99 -5.63 31.50
N GLN A 74 22.76 -4.72 32.45
CA GLN A 74 21.90 -3.57 32.17
C GLN A 74 22.63 -2.54 31.32
N LEU A 75 21.92 -1.96 30.36
CA LEU A 75 22.38 -0.84 29.54
C LEU A 75 21.61 0.39 29.98
N ARG A 76 22.31 1.36 30.56
CA ARG A 76 21.65 2.55 31.08
C ARG A 76 21.06 3.37 29.93
N VAL A 77 19.80 3.77 30.07
CA VAL A 77 19.10 4.55 29.05
C VAL A 77 19.37 6.04 29.31
N ILE A 78 19.81 6.76 28.29
CA ILE A 78 20.14 8.18 28.45
C ILE A 78 19.29 9.07 27.55
N GLY A 79 18.40 8.50 26.76
CA GLY A 79 17.42 9.32 26.06
C GLY A 79 16.33 8.43 25.50
N HIS A 80 15.19 9.04 25.17
CA HIS A 80 14.14 8.22 24.60
C HIS A 80 13.26 9.07 23.69
N SER A 81 12.72 8.45 22.65
CA SER A 81 11.76 9.12 21.78
C SER A 81 10.89 8.07 21.10
N MET A 82 9.74 8.52 20.58
CA MET A 82 8.80 7.66 19.88
C MET A 82 8.77 8.05 18.41
N GLN A 83 8.93 7.07 17.50
CA GLN A 83 8.81 7.26 16.07
C GLN A 83 7.75 6.29 15.62
N ASN A 84 6.54 6.79 15.33
CA ASN A 84 5.42 5.98 14.89
C ASN A 84 5.17 4.93 15.98
N CYS A 85 5.17 3.62 15.66
CA CYS A 85 4.91 2.62 16.66
C CYS A 85 6.17 2.02 17.28
N VAL A 86 7.32 2.66 17.10
CA VAL A 86 8.57 2.16 17.68
C VAL A 86 9.08 3.18 18.70
N LEU A 87 9.60 2.65 19.80
CA LEU A 87 10.33 3.42 20.78
C LEU A 87 11.83 3.28 20.50
N LYS A 88 12.53 4.41 20.55
CA LYS A 88 13.98 4.47 20.42
C LYS A 88 14.55 4.89 21.75
N LEU A 89 15.46 4.09 22.28
CA LEU A 89 16.08 4.37 23.57
C LEU A 89 17.56 4.54 23.33
N LYS A 90 18.08 5.74 23.55
CA LYS A 90 19.51 5.93 23.50
C LYS A 90 20.11 5.35 24.76
N VAL A 91 21.16 4.54 24.60
CA VAL A 91 21.86 3.91 25.71
C VAL A 91 23.31 4.40 25.71
N ASP A 92 23.99 4.15 26.83
CA ASP A 92 25.31 4.75 27.00
C ASP A 92 26.44 3.88 26.47
N THR A 93 26.12 2.79 25.78
CA THR A 93 27.14 1.88 25.27
C THR A 93 26.84 1.61 23.81
N ALA A 94 27.85 1.75 22.94
CA ALA A 94 27.66 1.40 21.54
C ALA A 94 27.89 -0.09 21.39
N ASN A 95 26.96 -0.77 20.70
CA ASN A 95 27.06 -2.22 20.61
C ASN A 95 28.28 -2.61 19.78
N PRO A 96 29.28 -3.28 20.37
CA PRO A 96 30.47 -3.64 19.61
C PRO A 96 30.19 -4.68 18.52
N LYS A 97 29.06 -5.36 18.57
CA LYS A 97 28.68 -6.34 17.56
C LYS A 97 27.77 -5.76 16.49
N THR A 98 27.57 -4.45 16.46
CA THR A 98 26.76 -3.84 15.42
C THR A 98 27.29 -4.22 14.04
N PRO A 99 26.47 -4.80 13.18
CA PRO A 99 26.93 -5.09 11.82
C PRO A 99 26.72 -3.86 10.96
N LYS A 100 27.22 -3.91 9.73
CA LYS A 100 26.76 -2.91 8.79
C LYS A 100 25.29 -3.18 8.53
N TYR A 101 24.48 -2.13 8.52
CA TYR A 101 23.04 -2.33 8.43
C TYR A 101 22.34 -1.17 7.74
N LYS A 102 21.09 -1.44 7.38
CA LYS A 102 20.19 -0.48 6.76
C LYS A 102 18.77 -0.86 7.19
N PHE A 103 17.90 0.14 7.25
CA PHE A 103 16.46 -0.08 7.47
C PHE A 103 15.73 0.00 6.14
N VAL A 104 14.93 -1.02 5.83
CA VAL A 104 14.20 -1.06 4.57
C VAL A 104 12.73 -1.35 4.83
N ARG A 105 11.89 -0.85 3.95
CA ARG A 105 10.47 -1.21 3.96
C ARG A 105 10.26 -2.12 2.77
N ILE A 106 9.86 -3.37 3.01
CA ILE A 106 9.77 -4.33 1.90
C ILE A 106 8.40 -4.27 1.26
N GLN A 107 8.27 -4.90 0.03
CA GLN A 107 7.06 -5.06 -0.74
C GLN A 107 6.38 -6.39 -0.40
N PRO A 108 5.06 -6.51 -0.55
CA PRO A 108 4.45 -7.84 -0.52
C PRO A 108 5.15 -8.74 -1.52
N GLY A 109 5.28 -10.02 -1.16
CA GLY A 109 6.01 -10.99 -1.94
C GLY A 109 7.43 -11.18 -1.49
N GLN A 110 8.05 -10.14 -0.92
CA GLN A 110 9.43 -10.26 -0.54
C GLN A 110 9.56 -11.16 0.68
N THR A 111 10.63 -11.93 0.71
CA THR A 111 10.85 -12.83 1.83
C THR A 111 11.89 -12.26 2.76
N PHE A 112 11.93 -12.80 3.96
CA PHE A 112 12.93 -12.40 4.94
C PHE A 112 13.04 -13.48 6.00
N SER A 113 14.17 -13.45 6.73
CA SER A 113 14.38 -14.36 7.87
C SER A 113 13.85 -13.69 9.13
N VAL A 114 13.18 -14.45 9.97
CA VAL A 114 12.74 -13.97 11.28
C VAL A 114 13.58 -14.65 12.34
N LEU A 115 14.12 -13.84 13.27
CA LEU A 115 14.79 -14.41 14.43
C LEU A 115 13.83 -14.25 15.60
N ALA A 116 13.14 -15.34 15.95
CA ALA A 116 12.20 -15.35 17.06
C ALA A 116 12.96 -15.36 18.38
N CYS A 117 12.65 -14.38 19.24
CA CYS A 117 13.36 -14.14 20.48
C CYS A 117 12.38 -14.01 21.65
N TYR A 118 12.86 -14.41 22.82
CA TYR A 118 12.11 -14.34 24.08
C TYR A 118 13.07 -13.85 25.15
N ASN A 119 12.66 -12.79 25.85
CA ASN A 119 13.49 -12.21 26.90
C ASN A 119 14.87 -11.79 26.38
N GLY A 120 14.93 -11.33 25.13
CA GLY A 120 16.19 -10.94 24.54
C GLY A 120 17.06 -12.08 24.09
N SER A 121 16.58 -13.32 24.16
CA SER A 121 17.39 -14.48 23.83
C SER A 121 16.89 -15.10 22.55
N PRO A 122 17.72 -15.24 21.53
CA PRO A 122 17.26 -15.87 20.29
C PRO A 122 16.86 -17.33 20.51
N SER A 123 15.71 -17.69 19.95
CA SER A 123 15.15 -19.03 20.10
C SER A 123 15.14 -19.80 18.79
N GLY A 124 14.84 -19.14 17.70
CA GLY A 124 14.78 -19.87 16.44
C GLY A 124 14.80 -18.93 15.27
N VAL A 125 15.09 -19.48 14.08
CA VAL A 125 15.12 -18.67 12.87
C VAL A 125 14.35 -19.39 11.79
N TYR A 126 13.56 -18.63 11.06
CA TYR A 126 12.79 -19.24 9.97
C TYR A 126 12.51 -18.21 8.89
N GLN A 127 12.08 -18.68 7.74
CA GLN A 127 11.86 -17.82 6.60
C GLN A 127 10.36 -17.52 6.47
N CYS A 128 10.05 -16.26 6.11
CA CYS A 128 8.68 -15.74 5.98
C CYS A 128 8.57 -15.00 4.65
N ALA A 129 7.35 -14.88 4.13
CA ALA A 129 7.08 -13.94 3.05
C ALA A 129 6.03 -12.94 3.53
N MET A 130 6.19 -11.68 3.13
CA MET A 130 5.15 -10.69 3.37
C MET A 130 4.00 -11.01 2.43
N ARG A 131 2.83 -11.32 2.99
CA ARG A 131 1.70 -11.64 2.13
C ARG A 131 1.17 -10.38 1.46
N PRO A 132 0.39 -10.55 0.38
CA PRO A 132 -0.22 -9.38 -0.26
C PRO A 132 -1.18 -8.63 0.65
N ASN A 133 -1.76 -9.28 1.64
CA ASN A 133 -2.58 -8.57 2.62
C ASN A 133 -1.75 -8.06 3.81
N PHE A 134 -0.43 -8.05 3.70
CA PHE A 134 0.47 -7.46 4.71
C PHE A 134 0.40 -8.17 6.06
N THR A 135 0.15 -9.47 6.04
CA THR A 135 0.40 -10.32 7.19
C THR A 135 1.53 -11.26 6.84
N ILE A 136 2.13 -11.86 7.86
CA ILE A 136 3.10 -12.93 7.64
C ILE A 136 2.56 -14.15 8.36
N LYS A 137 2.81 -15.33 7.78
CA LYS A 137 2.48 -16.58 8.44
C LYS A 137 3.68 -17.00 9.29
N GLY A 138 3.75 -16.43 10.50
CA GLY A 138 4.86 -16.64 11.38
C GLY A 138 4.59 -17.70 12.43
N SER A 139 5.50 -17.77 13.39
CA SER A 139 5.37 -18.65 14.54
C SER A 139 5.89 -17.87 15.74
N PHE A 140 4.98 -17.44 16.62
CA PHE A 140 5.32 -16.49 17.67
C PHE A 140 4.46 -16.81 18.90
N LEU A 141 5.05 -16.71 20.07
CA LEU A 141 4.32 -16.91 21.32
C LEU A 141 4.37 -15.62 22.14
N ASN A 142 3.70 -15.65 23.29
CA ASN A 142 3.79 -14.54 24.22
C ASN A 142 5.26 -14.18 24.48
N GLY A 143 5.57 -12.88 24.48
CA GLY A 143 6.94 -12.45 24.75
C GLY A 143 7.80 -12.24 23.52
N SER A 144 7.28 -12.50 22.33
CA SER A 144 8.06 -12.47 21.10
C SER A 144 8.11 -11.10 20.45
N CYS A 145 7.31 -10.13 20.90
CA CYS A 145 7.28 -8.85 20.21
C CYS A 145 8.65 -8.18 20.25
N GLY A 146 8.97 -7.41 19.21
CA GLY A 146 10.32 -6.90 19.05
C GLY A 146 11.26 -7.82 18.30
N SER A 147 10.90 -9.10 18.12
CA SER A 147 11.69 -9.94 17.22
C SER A 147 11.68 -9.31 15.84
N VAL A 148 12.78 -9.48 15.10
CA VAL A 148 12.92 -8.76 13.83
C VAL A 148 13.05 -9.73 12.66
N GLY A 149 12.72 -9.19 11.49
CA GLY A 149 12.93 -9.85 10.21
C GLY A 149 13.98 -9.08 9.42
N PHE A 150 14.78 -9.82 8.65
CA PHE A 150 15.93 -9.22 7.99
C PHE A 150 16.31 -10.01 6.75
N ASN A 151 17.02 -9.32 5.87
CA ASN A 151 17.82 -9.95 4.81
C ASN A 151 19.28 -9.59 5.00
N ILE A 152 20.19 -10.37 4.40
CA ILE A 152 21.62 -10.06 4.47
C ILE A 152 22.17 -10.08 3.06
N ASP A 153 22.72 -8.94 2.63
CA ASP A 153 23.32 -8.79 1.30
C ASP A 153 24.79 -8.45 1.46
N TYR A 154 25.65 -9.32 0.93
CA TYR A 154 27.08 -9.28 1.20
C TYR A 154 27.29 -9.40 2.71
N ASP A 155 27.69 -8.30 3.34
CA ASP A 155 27.83 -8.28 4.80
C ASP A 155 26.91 -7.28 5.47
N CYS A 156 25.94 -6.73 4.74
CA CYS A 156 25.06 -5.69 5.24
C CYS A 156 23.71 -6.30 5.61
N VAL A 157 23.25 -6.02 6.83
CA VAL A 157 21.97 -6.53 7.28
C VAL A 157 20.88 -5.50 6.97
N SER A 158 19.86 -5.87 6.18
CA SER A 158 18.71 -5.02 5.92
C SER A 158 17.57 -5.47 6.83
N PHE A 159 17.27 -4.66 7.85
CA PHE A 159 16.16 -4.96 8.75
C PHE A 159 14.87 -4.45 8.12
N CYS A 160 13.85 -5.31 8.06
CA CYS A 160 12.61 -4.95 7.40
C CYS A 160 11.36 -5.15 8.22
N TYR A 161 11.43 -5.84 9.36
CA TYR A 161 10.22 -6.21 10.07
C TYR A 161 10.52 -6.21 11.56
N MET A 162 9.59 -5.68 12.36
CA MET A 162 9.58 -5.83 13.81
C MET A 162 8.19 -6.30 14.26
N HIS A 163 8.16 -7.30 15.11
CA HIS A 163 6.91 -8.02 15.35
C HIS A 163 6.09 -7.35 16.44
N HIS A 164 4.77 -7.17 16.20
CA HIS A 164 3.88 -6.56 17.20
C HIS A 164 2.64 -7.37 17.58
N MET A 165 2.10 -8.22 16.69
CA MET A 165 0.72 -8.63 16.92
C MET A 165 0.39 -9.95 16.23
N GLU A 166 -0.48 -10.74 16.87
CA GLU A 166 -1.09 -11.92 16.28
C GLU A 166 -2.58 -11.66 16.05
N LEU A 167 -3.02 -11.77 14.80
CA LEU A 167 -4.42 -11.54 14.46
C LEU A 167 -5.30 -12.70 14.92
N PRO A 168 -6.62 -12.46 15.06
CA PRO A 168 -7.54 -13.56 15.36
C PRO A 168 -7.33 -14.81 14.51
N THR A 169 -6.98 -14.67 13.24
CA THR A 169 -6.80 -15.81 12.36
C THR A 169 -5.49 -16.57 12.61
N GLY A 170 -4.62 -16.08 13.47
CA GLY A 170 -3.38 -16.78 13.72
C GLY A 170 -2.21 -16.34 12.86
N VAL A 171 -2.41 -15.38 11.97
CA VAL A 171 -1.28 -14.76 11.25
C VAL A 171 -0.78 -13.54 12.03
N HIS A 172 0.30 -12.95 11.56
CA HIS A 172 1.07 -11.99 12.35
C HIS A 172 1.23 -10.66 11.63
N ALA A 173 1.37 -9.60 12.41
CA ALA A 173 1.44 -8.25 11.88
C ALA A 173 2.51 -7.46 12.64
N GLY A 174 3.14 -6.55 11.92
CA GLY A 174 4.20 -5.75 12.52
C GLY A 174 4.55 -4.56 11.68
N THR A 175 5.68 -3.94 12.02
CA THR A 175 6.09 -2.67 11.43
C THR A 175 7.44 -2.79 10.74
N ASP A 176 7.83 -1.77 9.97
CA ASP A 176 9.23 -1.63 9.61
C ASP A 176 9.98 -1.01 10.78
N LEU A 177 11.26 -0.76 10.61
CA LEU A 177 12.04 -0.30 11.75
C LEU A 177 11.91 1.20 11.96
N GLU A 178 11.15 1.89 11.13
CA GLU A 178 10.69 3.24 11.42
C GLU A 178 9.32 3.23 12.11
N GLY A 179 8.79 2.06 12.47
CA GLY A 179 7.59 1.98 13.25
C GLY A 179 6.30 2.07 12.49
N ASN A 180 6.33 2.04 11.17
CA ASN A 180 5.11 2.13 10.37
C ASN A 180 4.59 0.73 10.08
N PHE A 181 3.36 0.45 10.51
CA PHE A 181 2.83 -0.89 10.29
C PHE A 181 2.84 -1.23 8.81
N TYR A 182 3.05 -2.51 8.52
CA TYR A 182 2.65 -3.06 7.24
C TYR A 182 1.15 -3.35 7.31
N GLY A 183 0.38 -2.75 6.41
CA GLY A 183 -1.03 -3.04 6.37
C GLY A 183 -1.86 -2.15 7.27
N PRO A 184 -3.16 -2.39 7.29
CA PRO A 184 -4.12 -1.54 8.04
C PRO A 184 -4.33 -2.03 9.45
N PHE A 185 -3.25 -2.06 10.24
CA PHE A 185 -3.28 -2.56 11.60
C PHE A 185 -2.82 -1.45 12.53
N VAL A 186 -3.25 -1.55 13.80
CA VAL A 186 -2.84 -0.62 14.84
C VAL A 186 -2.44 -1.40 16.08
N ASP A 187 -1.51 -0.83 16.86
CA ASP A 187 -1.02 -1.52 18.06
C ASP A 187 -1.96 -1.23 19.23
N ARG A 188 -3.14 -1.85 19.16
CA ARG A 188 -4.17 -1.78 20.19
C ARG A 188 -4.70 -3.18 20.44
N GLN A 189 -5.08 -3.46 21.68
CA GLN A 189 -5.56 -4.81 22.01
C GLN A 189 -7.03 -4.92 21.57
N THR A 190 -7.20 -5.05 20.25
CA THR A 190 -8.50 -5.11 19.61
C THR A 190 -8.44 -6.05 18.41
N ALA A 191 -9.58 -6.66 18.09
CA ALA A 191 -9.62 -7.64 17.00
C ALA A 191 -9.60 -6.94 15.65
N GLN A 192 -8.62 -7.27 14.81
CA GLN A 192 -8.45 -6.61 13.52
C GLN A 192 -8.36 -7.67 12.44
N ALA A 193 -8.96 -7.39 11.29
CA ALA A 193 -9.02 -8.35 10.20
C ALA A 193 -8.12 -7.90 9.06
N ALA A 194 -7.48 -8.85 8.39
CA ALA A 194 -6.73 -8.50 7.20
C ALA A 194 -7.61 -8.65 5.95
N GLY A 195 -7.19 -7.99 4.87
CA GLY A 195 -7.84 -8.25 3.58
C GLY A 195 -7.72 -9.71 3.17
N THR A 196 -8.60 -10.13 2.26
CA THR A 196 -8.47 -11.48 1.72
C THR A 196 -7.10 -11.60 1.07
N ASP A 197 -6.42 -12.70 1.31
CA ASP A 197 -5.09 -12.80 0.77
C ASP A 197 -5.15 -13.29 -0.68
N THR A 198 -4.03 -13.13 -1.38
CA THR A 198 -3.91 -13.56 -2.77
C THR A 198 -2.59 -14.29 -2.94
N THR A 199 -2.43 -14.94 -4.09
CA THR A 199 -1.20 -15.66 -4.39
C THR A 199 -0.17 -14.72 -4.99
N ILE A 200 1.10 -14.91 -4.62
CA ILE A 200 2.16 -14.00 -5.03
C ILE A 200 2.67 -14.46 -6.40
N THR A 201 2.15 -13.84 -7.45
CA THR A 201 2.40 -14.29 -8.81
C THR A 201 3.88 -14.27 -9.17
N VAL A 202 4.60 -13.21 -8.82
CA VAL A 202 6.00 -13.15 -9.24
C VAL A 202 6.81 -14.29 -8.63
N ASN A 203 6.45 -14.73 -7.43
CA ASN A 203 7.13 -15.86 -6.82
C ASN A 203 6.75 -17.18 -7.47
N VAL A 204 5.48 -17.33 -7.85
CA VAL A 204 5.11 -18.55 -8.58
C VAL A 204 5.91 -18.62 -9.87
N LEU A 205 6.06 -17.49 -10.55
CA LEU A 205 6.86 -17.49 -11.79
C LEU A 205 8.30 -17.87 -11.49
N ALA A 206 8.86 -17.38 -10.39
CA ALA A 206 10.23 -17.72 -10.05
C ALA A 206 10.39 -19.23 -9.84
N TRP A 207 9.41 -19.82 -9.16
CA TRP A 207 9.35 -21.26 -8.94
C TRP A 207 9.26 -22.02 -10.27
N LEU A 208 8.44 -21.55 -11.22
CA LEU A 208 8.40 -22.22 -12.53
C LEU A 208 9.75 -22.11 -13.25
N TYR A 209 10.42 -20.97 -13.15
CA TYR A 209 11.76 -20.86 -13.72
C TYR A 209 12.71 -21.86 -13.07
N ALA A 210 12.65 -21.98 -11.74
CA ALA A 210 13.45 -22.95 -11.03
C ALA A 210 13.18 -24.37 -11.52
N ALA A 211 11.91 -24.70 -11.74
CA ALA A 211 11.58 -26.01 -12.30
C ALA A 211 12.26 -26.21 -13.66
N VAL A 212 12.16 -25.22 -14.54
CA VAL A 212 12.80 -25.33 -15.87
C VAL A 212 14.30 -25.55 -15.72
N ILE A 213 14.95 -24.80 -14.82
CA ILE A 213 16.40 -24.92 -14.66
C ILE A 213 16.78 -26.35 -14.31
N ASN A 214 15.89 -27.04 -13.61
CA ASN A 214 16.09 -28.41 -13.15
C ASN A 214 15.57 -29.46 -14.13
N GLY A 215 15.17 -29.05 -15.35
CA GLY A 215 14.77 -29.97 -16.39
C GLY A 215 13.30 -30.36 -16.36
N ASP A 216 12.50 -29.70 -15.55
CA ASP A 216 11.08 -30.01 -15.39
C ASP A 216 10.31 -28.92 -16.14
N ARG A 217 9.93 -29.20 -17.40
CA ARG A 217 9.43 -28.13 -18.25
C ARG A 217 8.22 -28.53 -19.09
N TRP A 218 7.44 -29.51 -18.66
CA TRP A 218 6.29 -29.96 -19.45
C TRP A 218 5.25 -28.87 -19.64
N PHE A 219 5.19 -27.90 -18.72
CA PHE A 219 4.15 -26.88 -18.68
C PHE A 219 4.42 -25.70 -19.60
N LEU A 220 5.59 -25.66 -20.25
CA LEU A 220 5.90 -24.60 -21.18
C LEU A 220 5.05 -24.76 -22.43
N ASN A 221 4.16 -23.80 -22.69
CA ASN A 221 3.35 -23.84 -23.90
C ASN A 221 3.99 -22.96 -24.96
N ARG A 222 3.38 -22.91 -26.15
CA ARG A 222 3.96 -22.20 -27.28
C ARG A 222 3.42 -20.79 -27.44
N PHE A 223 2.85 -20.21 -26.39
CA PHE A 223 2.13 -18.96 -26.48
C PHE A 223 2.81 -17.85 -25.70
N THR A 224 2.39 -16.62 -25.97
CA THR A 224 2.78 -15.49 -25.14
C THR A 224 1.52 -14.69 -24.81
N THR A 225 1.72 -13.63 -24.05
CA THR A 225 0.60 -12.80 -23.64
C THR A 225 1.14 -11.40 -23.41
N THR A 226 0.22 -10.43 -23.33
CA THR A 226 0.63 -9.12 -22.85
C THR A 226 0.57 -9.11 -21.32
N LEU A 227 1.33 -8.18 -20.73
CA LEU A 227 1.29 -8.05 -19.29
C LEU A 227 -0.10 -7.67 -18.82
N ASN A 228 -0.76 -6.76 -19.52
CA ASN A 228 -2.10 -6.32 -19.11
C ASN A 228 -3.12 -7.47 -19.21
N ASP A 229 -3.11 -8.20 -20.32
CA ASP A 229 -4.02 -9.35 -20.42
C ASP A 229 -3.75 -10.34 -19.29
N PHE A 230 -2.46 -10.62 -19.02
CA PHE A 230 -2.16 -11.56 -17.96
C PHE A 230 -2.68 -11.06 -16.61
N ASN A 231 -2.45 -9.78 -16.30
CA ASN A 231 -2.89 -9.26 -15.00
C ASN A 231 -4.38 -9.38 -14.83
N LEU A 232 -5.13 -9.04 -15.88
CA LEU A 232 -6.59 -9.13 -15.78
C LEU A 232 -7.05 -10.57 -15.59
N VAL A 233 -6.40 -11.53 -16.26
CA VAL A 233 -6.79 -12.92 -16.03
C VAL A 233 -6.38 -13.37 -14.64
N ALA A 234 -5.14 -13.07 -14.23
CA ALA A 234 -4.63 -13.59 -12.97
C ALA A 234 -5.50 -13.15 -11.80
N MET A 235 -6.01 -11.92 -11.86
CA MET A 235 -6.83 -11.44 -10.74
C MET A 235 -8.10 -12.27 -10.55
N LYS A 236 -8.62 -12.89 -11.62
CA LYS A 236 -9.81 -13.73 -11.47
C LYS A 236 -9.52 -15.02 -10.71
N TYR A 237 -8.25 -15.41 -10.61
CA TYR A 237 -7.84 -16.58 -9.86
C TYR A 237 -7.26 -16.25 -8.51
N ASN A 238 -7.42 -15.00 -8.06
CA ASN A 238 -6.90 -14.52 -6.79
C ASN A 238 -5.38 -14.50 -6.79
N TYR A 239 -4.80 -14.20 -7.94
CA TYR A 239 -3.38 -13.95 -8.08
C TYR A 239 -3.14 -12.45 -8.16
N GLU A 240 -2.00 -12.02 -7.64
CA GLU A 240 -1.62 -10.62 -7.72
C GLU A 240 -1.24 -10.22 -9.14
N PRO A 241 -1.51 -8.98 -9.53
CA PRO A 241 -0.99 -8.50 -10.81
C PRO A 241 0.50 -8.28 -10.71
N LEU A 242 1.16 -8.40 -11.85
CA LEU A 242 2.59 -8.10 -11.88
C LEU A 242 2.82 -6.60 -12.07
N THR A 243 3.90 -6.11 -11.46
CA THR A 243 4.40 -4.75 -11.68
C THR A 243 5.58 -4.79 -12.64
N GLN A 244 6.00 -3.60 -13.08
CA GLN A 244 7.21 -3.50 -13.91
C GLN A 244 8.44 -3.97 -13.14
N ASP A 245 8.49 -3.69 -11.82
CA ASP A 245 9.58 -4.18 -10.99
C ASP A 245 9.61 -5.71 -10.95
N HIS A 246 8.44 -6.36 -10.93
CA HIS A 246 8.39 -7.82 -10.94
C HIS A 246 8.98 -8.36 -12.23
N VAL A 247 8.59 -7.78 -13.36
CA VAL A 247 9.17 -8.18 -14.64
C VAL A 247 10.68 -8.04 -14.59
N ASP A 248 11.17 -6.92 -14.05
CA ASP A 248 12.61 -6.71 -14.00
C ASP A 248 13.33 -7.73 -13.10
N ILE A 249 12.77 -8.06 -11.94
CA ILE A 249 13.51 -8.97 -11.04
C ILE A 249 13.49 -10.40 -11.54
N LEU A 250 12.56 -10.75 -12.44
CA LEU A 250 12.58 -12.04 -13.12
C LEU A 250 13.59 -12.07 -14.27
N GLY A 251 14.26 -10.95 -14.56
CA GLY A 251 15.15 -10.88 -15.70
C GLY A 251 16.27 -11.91 -15.70
N PRO A 252 17.01 -12.04 -14.59
CA PRO A 252 18.09 -13.04 -14.55
C PRO A 252 17.62 -14.46 -14.81
N LEU A 253 16.47 -14.88 -14.26
CA LEU A 253 16.00 -16.24 -14.51
C LEU A 253 15.52 -16.39 -15.95
N SER A 254 14.93 -15.33 -16.50
CA SER A 254 14.55 -15.34 -17.92
C SER A 254 15.77 -15.52 -18.79
N ALA A 255 16.83 -14.76 -18.51
CA ALA A 255 18.04 -14.88 -19.32
C ALA A 255 18.70 -16.24 -19.13
N GLN A 256 18.69 -16.77 -17.91
CA GLN A 256 19.31 -18.07 -17.65
C GLN A 256 18.61 -19.20 -18.42
N THR A 257 17.28 -19.14 -18.53
CA THR A 257 16.52 -20.17 -19.21
C THR A 257 16.24 -19.87 -20.68
N GLY A 258 16.44 -18.63 -21.14
CA GLY A 258 16.02 -18.29 -22.48
C GLY A 258 14.52 -18.18 -22.69
N ILE A 259 13.74 -18.14 -21.62
CA ILE A 259 12.28 -18.08 -21.67
C ILE A 259 11.84 -16.67 -21.29
N ALA A 260 11.22 -15.96 -22.23
CA ALA A 260 10.77 -14.60 -21.98
C ALA A 260 9.80 -14.58 -20.81
N VAL A 261 9.84 -13.49 -20.03
CA VAL A 261 8.91 -13.38 -18.90
C VAL A 261 7.47 -13.58 -19.36
N LEU A 262 7.07 -12.92 -20.45
CA LEU A 262 5.68 -13.01 -20.91
C LEU A 262 5.32 -14.38 -21.45
N ASP A 263 6.30 -15.14 -21.97
CA ASP A 263 6.03 -16.53 -22.31
C ASP A 263 5.75 -17.36 -21.06
N MET A 264 6.53 -17.16 -19.99
CA MET A 264 6.24 -17.88 -18.76
C MET A 264 4.88 -17.48 -18.19
N CYS A 265 4.51 -16.21 -18.34
CA CYS A 265 3.17 -15.80 -17.92
C CYS A 265 2.10 -16.56 -18.69
N ALA A 266 2.29 -16.71 -20.00
CA ALA A 266 1.31 -17.48 -20.79
C ALA A 266 1.25 -18.94 -20.30
N SER A 267 2.41 -19.53 -19.95
CA SER A 267 2.39 -20.88 -19.41
C SER A 267 1.66 -20.95 -18.07
N LEU A 268 1.94 -20.01 -17.17
CA LEU A 268 1.23 -19.96 -15.90
C LEU A 268 -0.27 -19.78 -16.12
N LYS A 269 -0.65 -18.93 -17.07
CA LYS A 269 -2.06 -18.70 -17.32
C LYS A 269 -2.75 -19.98 -17.73
N GLU A 270 -2.10 -20.75 -18.61
CA GLU A 270 -2.68 -22.05 -18.99
C GLU A 270 -2.79 -22.96 -17.77
N LEU A 271 -1.77 -22.97 -16.90
CA LEU A 271 -1.88 -23.75 -15.67
C LEU A 271 -3.10 -23.34 -14.86
N LEU A 272 -3.37 -22.04 -14.80
CA LEU A 272 -4.49 -21.53 -14.00
C LEU A 272 -5.82 -21.97 -14.58
N GLN A 273 -6.00 -21.84 -15.88
CA GLN A 273 -7.33 -22.13 -16.38
C GLN A 273 -7.55 -23.61 -16.68
N ASN A 274 -6.49 -24.39 -16.89
CA ASN A 274 -6.63 -25.81 -17.18
C ASN A 274 -6.31 -26.72 -16.01
N GLY A 275 -5.68 -26.21 -14.95
CA GLY A 275 -5.27 -27.05 -13.85
C GLY A 275 -4.01 -27.83 -14.13
N MET A 276 -3.61 -28.64 -13.15
CA MET A 276 -2.40 -29.43 -13.24
C MET A 276 -2.63 -30.82 -13.84
N ASN A 277 -3.89 -31.28 -13.85
CA ASN A 277 -4.23 -32.59 -14.42
C ASN A 277 -3.43 -33.70 -13.75
N GLY A 278 -3.37 -33.66 -12.43
CA GLY A 278 -2.67 -34.69 -11.68
C GLY A 278 -1.19 -34.77 -11.94
N ARG A 279 -0.59 -33.73 -12.51
CA ARG A 279 0.84 -33.68 -12.71
C ARG A 279 1.49 -32.90 -11.56
N THR A 280 2.80 -33.01 -11.47
CA THR A 280 3.55 -32.28 -10.46
C THR A 280 4.61 -31.41 -11.13
N ILE A 281 5.05 -30.41 -10.37
CA ILE A 281 6.14 -29.52 -10.75
C ILE A 281 7.10 -29.48 -9.57
N LEU A 282 8.35 -29.87 -9.81
CA LEU A 282 9.35 -29.96 -8.74
C LEU A 282 8.86 -30.82 -7.59
N GLY A 283 8.13 -31.88 -7.91
CA GLY A 283 7.67 -32.84 -6.92
C GLY A 283 6.31 -32.56 -6.32
N SER A 284 5.74 -31.38 -6.56
CA SER A 284 4.56 -30.94 -5.83
C SER A 284 3.39 -30.70 -6.79
N ALA A 285 2.18 -31.01 -6.31
CA ALA A 285 0.97 -30.65 -7.04
C ALA A 285 0.53 -29.22 -6.76
N LEU A 286 1.18 -28.54 -5.81
CA LEU A 286 0.86 -27.17 -5.46
C LEU A 286 1.92 -26.23 -6.03
N LEU A 287 1.48 -25.08 -6.54
CA LEU A 287 2.42 -24.05 -6.96
C LEU A 287 2.89 -23.28 -5.74
N GLU A 288 4.20 -23.15 -5.60
CA GLU A 288 4.77 -22.49 -4.43
C GLU A 288 4.89 -20.99 -4.67
N ASP A 289 4.52 -20.17 -3.66
CA ASP A 289 4.60 -18.73 -3.87
C ASP A 289 5.41 -17.98 -2.80
N GLU A 290 6.24 -18.67 -2.01
CA GLU A 290 7.08 -17.98 -1.04
C GLU A 290 8.58 -18.15 -1.31
N PHE A 291 8.94 -18.37 -2.58
CA PHE A 291 10.32 -18.27 -3.05
C PHE A 291 10.41 -17.13 -4.04
N THR A 292 11.19 -16.09 -3.73
CA THR A 292 11.38 -14.98 -4.64
C THR A 292 12.36 -15.35 -5.74
N PRO A 293 12.45 -14.54 -6.79
CA PRO A 293 13.50 -14.80 -7.78
C PRO A 293 14.89 -14.79 -7.14
N PHE A 294 15.13 -13.90 -6.19
CA PHE A 294 16.42 -13.86 -5.49
C PHE A 294 16.63 -15.12 -4.67
N ASP A 295 15.56 -15.67 -4.06
CA ASP A 295 15.71 -16.92 -3.32
C ASP A 295 16.09 -18.07 -4.23
N VAL A 296 15.46 -18.13 -5.41
CA VAL A 296 15.83 -19.16 -6.37
C VAL A 296 17.30 -19.04 -6.75
N VAL A 297 17.74 -17.83 -7.10
CA VAL A 297 19.14 -17.67 -7.50
C VAL A 297 20.08 -17.98 -6.35
N ARG A 298 19.76 -17.47 -5.15
CA ARG A 298 20.63 -17.67 -4.00
C ARG A 298 20.76 -19.15 -3.65
N GLN A 299 19.66 -19.89 -3.71
CA GLN A 299 19.73 -21.28 -3.30
C GLN A 299 20.24 -22.20 -4.40
N CYS A 300 20.12 -21.82 -5.67
CA CYS A 300 20.67 -22.63 -6.74
C CYS A 300 22.09 -22.22 -7.12
N SER A 301 22.63 -21.14 -6.55
CA SER A 301 23.94 -20.59 -6.96
C SER A 301 24.94 -20.31 -5.83
N GLY A 302 24.56 -20.41 -4.56
CA GLY A 302 25.53 -20.23 -3.51
C GLY A 302 25.11 -19.30 -2.39
N VAL A 303 25.89 -18.25 -2.15
CA VAL A 303 25.56 -17.27 -1.12
C VAL A 303 24.42 -16.38 -1.61
N SER B 1 -28.69 25.43 2.23
CA SER B 1 -29.09 24.36 1.33
C SER B 1 -28.32 24.37 0.01
N GLY B 2 -28.69 23.43 -0.86
CA GLY B 2 -28.00 23.20 -2.11
C GLY B 2 -27.03 22.04 -2.01
N PHE B 3 -26.76 21.41 -3.16
CA PHE B 3 -25.82 20.29 -3.17
C PHE B 3 -24.91 20.35 -4.39
N ARG B 4 -23.60 20.38 -4.15
CA ARG B 4 -22.63 20.58 -5.21
C ARG B 4 -21.45 19.64 -4.99
N LYS B 5 -20.88 19.17 -6.09
CA LYS B 5 -19.60 18.46 -6.00
C LYS B 5 -18.55 19.48 -5.57
N MET B 6 -17.88 19.21 -4.46
CA MET B 6 -17.03 20.19 -3.80
C MET B 6 -15.68 19.55 -3.49
N ALA B 7 -14.60 20.30 -3.73
CA ALA B 7 -13.26 19.86 -3.39
C ALA B 7 -12.81 20.56 -2.12
N PHE B 8 -11.81 19.99 -1.45
CA PHE B 8 -11.15 20.69 -0.36
C PHE B 8 -10.40 21.90 -0.91
N PRO B 9 -10.33 22.99 -0.13
CA PRO B 9 -9.49 24.11 -0.54
C PRO B 9 -8.08 23.62 -0.70
N SER B 10 -7.44 24.07 -1.77
CA SER B 10 -6.18 23.47 -2.23
C SER B 10 -4.92 24.24 -1.80
N GLY B 11 -5.06 25.35 -1.08
CA GLY B 11 -3.88 26.16 -0.75
C GLY B 11 -2.74 25.38 -0.10
N LYS B 12 -3.07 24.54 0.88
CA LYS B 12 -2.00 23.81 1.56
C LYS B 12 -1.22 22.92 0.62
N VAL B 13 -1.84 22.43 -0.45
CA VAL B 13 -1.15 21.59 -1.42
C VAL B 13 -0.44 22.43 -2.46
N GLU B 14 -1.08 23.54 -2.89
CA GLU B 14 -0.44 24.46 -3.83
C GLU B 14 0.95 24.87 -3.36
N GLY B 15 1.09 25.12 -2.04
CA GLY B 15 2.43 25.50 -1.53
C GLY B 15 3.47 24.40 -1.57
N CYS B 16 3.11 23.21 -2.06
CA CYS B 16 4.03 22.09 -2.14
C CYS B 16 4.40 21.71 -3.56
N MET B 17 3.79 22.32 -4.59
CA MET B 17 4.04 21.85 -5.93
C MET B 17 5.28 22.48 -6.53
N VAL B 18 6.08 21.66 -7.23
CA VAL B 18 7.28 22.10 -7.93
C VAL B 18 7.34 21.43 -9.31
N GLN B 19 8.24 21.91 -10.15
CA GLN B 19 8.50 21.31 -11.45
C GLN B 19 9.75 20.45 -11.36
N VAL B 20 9.73 19.28 -12.00
CA VAL B 20 10.86 18.35 -12.04
C VAL B 20 11.17 18.01 -13.49
N THR B 21 12.42 18.23 -13.90
CA THR B 21 12.83 17.99 -15.26
C THR B 21 14.04 17.08 -15.25
N CYS B 22 14.03 16.09 -16.15
CA CYS B 22 15.18 15.24 -16.40
C CYS B 22 15.29 15.06 -17.90
N GLY B 23 16.41 15.49 -18.47
CA GLY B 23 16.53 15.48 -19.92
C GLY B 23 15.46 16.35 -20.55
N THR B 24 14.69 15.76 -21.46
CA THR B 24 13.60 16.44 -22.13
C THR B 24 12.24 16.06 -21.54
N THR B 25 12.22 15.46 -20.35
CA THR B 25 10.96 15.08 -19.70
C THR B 25 10.70 15.98 -18.50
N THR B 26 9.52 16.59 -18.45
CA THR B 26 9.16 17.51 -17.37
C THR B 26 7.80 17.07 -16.81
N LEU B 27 7.70 17.04 -15.49
CA LEU B 27 6.40 16.82 -14.83
C LEU B 27 6.40 17.54 -13.48
N ASN B 28 5.41 17.22 -12.64
CA ASN B 28 5.24 17.88 -11.35
C ASN B 28 5.77 17.04 -10.21
N GLY B 29 6.28 17.70 -9.17
CA GLY B 29 6.65 17.04 -7.94
C GLY B 29 5.98 17.68 -6.72
N LEU B 30 5.97 16.91 -5.64
CA LEU B 30 5.40 17.29 -4.38
C LEU B 30 6.52 17.47 -3.37
N TRP B 31 6.71 18.69 -2.89
CA TRP B 31 7.86 19.06 -2.07
C TRP B 31 7.41 19.18 -0.62
N LEU B 32 7.82 18.21 0.21
CA LEU B 32 7.47 18.15 1.63
C LEU B 32 8.75 18.05 2.43
N ASP B 33 8.88 18.92 3.43
CA ASP B 33 10.15 19.05 4.20
C ASP B 33 11.27 19.20 3.18
N ASP B 34 12.33 18.38 3.24
CA ASP B 34 13.42 18.48 2.27
C ASP B 34 13.38 17.38 1.23
N VAL B 35 12.21 16.83 0.90
CA VAL B 35 12.11 15.78 -0.11
C VAL B 35 11.08 16.16 -1.16
N VAL B 36 11.37 15.87 -2.43
CA VAL B 36 10.44 16.05 -3.54
C VAL B 36 10.07 14.67 -4.10
N TYR B 37 8.76 14.41 -4.21
CA TYR B 37 8.23 13.14 -4.70
C TYR B 37 7.65 13.35 -6.09
N CYS B 38 7.96 12.47 -7.04
CA CYS B 38 7.42 12.63 -8.39
C CYS B 38 7.37 11.26 -9.06
N PRO B 39 6.63 11.11 -10.15
CA PRO B 39 6.61 9.82 -10.85
C PRO B 39 8.00 9.48 -11.40
N ARG B 40 8.39 8.20 -11.25
CA ARG B 40 9.74 7.83 -11.67
C ARG B 40 9.95 7.88 -13.19
N HIS B 41 8.88 7.87 -14.00
CA HIS B 41 9.11 7.89 -15.44
C HIS B 41 9.64 9.22 -15.93
N VAL B 42 9.87 10.20 -15.05
CA VAL B 42 10.59 11.41 -15.45
C VAL B 42 12.02 11.06 -15.86
N ILE B 43 12.56 9.94 -15.38
CA ILE B 43 13.93 9.59 -15.81
C ILE B 43 13.96 8.96 -17.18
N CYS B 44 12.82 8.76 -17.83
CA CYS B 44 12.77 8.06 -19.11
C CYS B 44 12.82 9.04 -20.28
N THR B 45 13.57 8.66 -21.31
CA THR B 45 13.40 9.24 -22.63
C THR B 45 12.17 8.61 -23.28
N SER B 46 11.70 9.23 -24.37
CA SER B 46 10.55 8.68 -25.08
C SER B 46 10.80 7.25 -25.52
N GLU B 47 12.06 6.88 -25.77
CA GLU B 47 12.41 5.51 -26.11
C GLU B 47 12.42 4.61 -24.88
N ASP B 48 12.88 5.14 -23.73
CA ASP B 48 12.91 4.34 -22.51
C ASP B 48 11.51 3.98 -22.04
N MET B 49 10.53 4.87 -22.23
CA MET B 49 9.19 4.64 -21.71
C MET B 49 8.52 3.42 -22.33
N LEU B 50 8.99 2.92 -23.47
CA LEU B 50 8.29 1.81 -24.11
C LEU B 50 8.42 0.52 -23.31
N ASN B 51 9.60 0.25 -22.76
CA ASN B 51 9.81 -0.91 -21.88
C ASN B 51 10.95 -0.61 -20.92
N PRO B 52 10.70 0.23 -19.92
CA PRO B 52 11.80 0.73 -19.07
C PRO B 52 12.25 -0.26 -18.00
N ASN B 53 13.57 -0.37 -17.84
CA ASN B 53 14.17 -1.02 -16.68
C ASN B 53 14.56 0.09 -15.74
N TYR B 54 13.67 0.41 -14.79
CA TYR B 54 13.84 1.62 -14.01
C TYR B 54 15.07 1.59 -13.11
N GLU B 55 15.41 0.44 -12.51
CA GLU B 55 16.61 0.40 -11.67
C GLU B 55 17.86 0.73 -12.48
N ASP B 56 17.96 0.15 -13.67
CA ASP B 56 19.07 0.45 -14.59
C ASP B 56 19.15 1.92 -14.91
N LEU B 57 18.03 2.49 -15.40
CA LEU B 57 18.00 3.90 -15.74
C LEU B 57 18.40 4.75 -14.55
N LEU B 58 17.98 4.37 -13.35
CA LEU B 58 18.21 5.23 -12.20
C LEU B 58 19.66 5.20 -11.79
N ILE B 59 20.30 4.02 -11.81
CA ILE B 59 21.70 3.96 -11.39
C ILE B 59 22.59 4.75 -12.34
N ARG B 60 22.15 4.97 -13.58
CA ARG B 60 22.94 5.74 -14.53
C ARG B 60 22.75 7.24 -14.39
N LYS B 61 21.86 7.67 -13.50
CA LYS B 61 21.61 9.08 -13.27
C LYS B 61 22.43 9.57 -12.09
N SER B 62 22.83 10.83 -12.14
CA SER B 62 23.38 11.53 -11.00
C SER B 62 22.44 12.62 -10.57
N ASN B 63 22.67 13.12 -9.34
CA ASN B 63 21.87 14.22 -8.80
C ASN B 63 21.74 15.40 -9.76
N HIS B 64 22.82 15.71 -10.50
CA HIS B 64 22.75 16.92 -11.32
C HIS B 64 21.90 16.73 -12.57
N ASN B 65 21.49 15.49 -12.88
CA ASN B 65 20.58 15.29 -13.99
C ASN B 65 19.17 15.77 -13.67
N PHE B 66 18.88 16.09 -12.43
CA PHE B 66 17.53 16.47 -12.00
C PHE B 66 17.46 17.97 -11.74
N LEU B 67 16.58 18.65 -12.46
CA LEU B 67 16.37 20.08 -12.31
C LEU B 67 15.02 20.25 -11.65
N VAL B 68 15.02 20.73 -10.42
CA VAL B 68 13.81 21.00 -9.64
C VAL B 68 13.64 22.51 -9.52
N GLN B 69 12.47 23.02 -9.90
CA GLN B 69 12.19 24.45 -9.82
C GLN B 69 10.93 24.68 -9.00
N ALA B 70 11.06 25.50 -7.96
CA ALA B 70 9.96 26.01 -7.14
C ALA B 70 9.78 27.47 -7.52
N GLY B 71 8.73 27.75 -8.29
CA GLY B 71 8.58 29.10 -8.81
C GLY B 71 9.80 29.48 -9.64
N ASN B 72 10.41 30.62 -9.31
CA ASN B 72 11.59 31.10 -10.00
C ASN B 72 12.89 30.69 -9.33
N VAL B 73 12.85 29.71 -8.42
CA VAL B 73 14.01 29.30 -7.64
C VAL B 73 14.35 27.85 -7.94
N GLN B 74 15.60 27.60 -8.31
CA GLN B 74 16.06 26.22 -8.51
C GLN B 74 16.49 25.63 -7.18
N LEU B 75 15.98 24.44 -6.88
CA LEU B 75 16.36 23.71 -5.68
C LEU B 75 17.47 22.72 -6.03
N ARG B 76 18.51 22.68 -5.20
CA ARG B 76 19.64 21.80 -5.49
C ARG B 76 19.35 20.40 -4.95
N VAL B 77 19.42 19.40 -5.82
CA VAL B 77 19.19 18.00 -5.46
C VAL B 77 20.47 17.42 -4.89
N ILE B 78 20.42 16.95 -3.65
CA ILE B 78 21.58 16.39 -2.97
C ILE B 78 21.41 14.91 -2.65
N GLY B 79 20.34 14.29 -3.13
CA GLY B 79 20.22 12.83 -2.99
C GLY B 79 19.04 12.36 -3.82
N HIS B 80 18.99 11.04 -4.03
CA HIS B 80 17.84 10.50 -4.79
C HIS B 80 17.69 9.00 -4.55
N SER B 81 16.44 8.57 -4.38
CA SER B 81 16.16 7.15 -4.30
C SER B 81 14.83 6.88 -4.98
N MET B 82 14.49 5.59 -5.07
CA MET B 82 13.25 5.16 -5.70
C MET B 82 12.46 4.29 -4.75
N GLN B 83 11.16 4.56 -4.60
CA GLN B 83 10.28 3.72 -3.81
C GLN B 83 9.14 3.31 -4.72
N ASN B 84 9.20 2.06 -5.20
CA ASN B 84 8.25 1.57 -6.19
C ASN B 84 8.17 2.52 -7.37
N CYS B 85 6.99 3.06 -7.71
CA CYS B 85 6.93 3.91 -8.90
C CYS B 85 7.15 5.38 -8.61
N VAL B 86 7.63 5.74 -7.42
CA VAL B 86 7.85 7.13 -7.05
C VAL B 86 9.35 7.39 -6.89
N LEU B 87 9.82 8.46 -7.52
CA LEU B 87 11.17 8.97 -7.31
C LEU B 87 11.15 9.98 -6.18
N LYS B 88 12.15 9.88 -5.29
CA LYS B 88 12.33 10.78 -4.17
C LYS B 88 13.65 11.53 -4.34
N LEU B 89 13.57 12.85 -4.47
CA LEU B 89 14.74 13.71 -4.62
C LEU B 89 14.98 14.46 -3.32
N LYS B 90 16.14 14.25 -2.71
CA LYS B 90 16.48 15.02 -1.53
C LYS B 90 17.10 16.33 -1.97
N VAL B 91 16.57 17.45 -1.44
CA VAL B 91 17.03 18.79 -1.76
C VAL B 91 17.66 19.41 -0.52
N ASP B 92 18.38 20.51 -0.71
CA ASP B 92 19.11 21.13 0.40
C ASP B 92 18.30 22.17 1.17
N THR B 93 17.02 22.34 0.83
CA THR B 93 16.17 23.34 1.46
C THR B 93 14.87 22.68 1.91
N ALA B 94 14.39 23.04 3.09
CA ALA B 94 13.10 22.56 3.55
C ALA B 94 11.99 23.49 3.09
N ASN B 95 10.87 22.90 2.66
CA ASN B 95 9.75 23.72 2.23
C ASN B 95 9.10 24.42 3.42
N PRO B 96 9.16 25.76 3.49
CA PRO B 96 8.53 26.45 4.62
C PRO B 96 7.03 26.27 4.69
N LYS B 97 6.39 25.94 3.57
CA LYS B 97 4.94 25.82 3.52
C LYS B 97 4.46 24.39 3.70
N THR B 98 5.33 23.46 4.11
CA THR B 98 4.94 22.08 4.37
C THR B 98 3.83 22.03 5.41
N PRO B 99 2.65 21.52 5.08
CA PRO B 99 1.60 21.38 6.08
C PRO B 99 1.82 20.14 6.93
N LYS B 100 1.02 20.01 7.98
CA LYS B 100 0.90 18.71 8.62
C LYS B 100 0.34 17.74 7.60
N TYR B 101 0.93 16.55 7.49
CA TYR B 101 0.53 15.65 6.42
C TYR B 101 0.77 14.19 6.78
N LYS B 102 0.09 13.32 6.06
CA LYS B 102 0.36 11.89 6.10
C LYS B 102 0.11 11.31 4.73
N PHE B 103 0.66 10.13 4.48
CA PHE B 103 0.43 9.36 3.27
C PHE B 103 -0.55 8.24 3.61
N VAL B 104 -1.63 8.14 2.86
CA VAL B 104 -2.61 7.08 3.10
C VAL B 104 -2.95 6.39 1.78
N ARG B 105 -3.39 5.15 1.86
CA ARG B 105 -3.88 4.44 0.70
C ARG B 105 -5.40 4.39 0.78
N ILE B 106 -6.04 4.93 -0.19
CA ILE B 106 -7.49 5.11 -0.14
C ILE B 106 -8.18 3.84 -0.61
N GLN B 107 -9.42 3.62 -0.15
CA GLN B 107 -10.18 2.44 -0.53
C GLN B 107 -11.12 2.77 -1.68
N PRO B 108 -11.41 1.78 -2.52
CA PRO B 108 -12.36 2.00 -3.60
C PRO B 108 -13.67 2.54 -3.06
N GLY B 109 -14.22 3.53 -3.75
CA GLY B 109 -15.43 4.19 -3.31
C GLY B 109 -15.21 5.43 -2.45
N GLN B 110 -14.02 5.63 -1.93
CA GLN B 110 -13.73 6.84 -1.18
C GLN B 110 -13.39 7.95 -2.15
N THR B 111 -13.60 9.19 -1.72
CA THR B 111 -13.40 10.33 -2.59
C THR B 111 -12.16 11.10 -2.14
N PHE B 112 -11.63 11.91 -3.05
CA PHE B 112 -10.53 12.80 -2.70
C PHE B 112 -10.52 13.96 -3.69
N SER B 113 -9.79 15.00 -3.34
CA SER B 113 -9.62 16.16 -4.21
C SER B 113 -8.34 16.03 -5.01
N VAL B 114 -8.38 16.44 -6.28
CA VAL B 114 -7.22 16.42 -7.16
C VAL B 114 -6.81 17.86 -7.45
N LEU B 115 -5.50 18.17 -7.28
CA LEU B 115 -4.99 19.46 -7.72
C LEU B 115 -4.22 19.21 -9.01
N ALA B 116 -4.85 19.51 -10.13
CA ALA B 116 -4.23 19.34 -11.44
C ALA B 116 -3.21 20.44 -11.64
N CYS B 117 -1.97 20.05 -12.00
CA CYS B 117 -0.85 20.95 -12.16
C CYS B 117 -0.12 20.70 -13.49
N TYR B 118 0.45 21.77 -14.05
CA TYR B 118 1.28 21.68 -15.24
C TYR B 118 2.54 22.51 -15.00
N ASN B 119 3.70 21.94 -15.32
CA ASN B 119 4.98 22.62 -15.11
C ASN B 119 5.14 23.15 -13.68
N GLY B 120 4.67 22.37 -12.72
CA GLY B 120 4.79 22.73 -11.33
C GLY B 120 3.81 23.77 -10.86
N SER B 121 2.89 24.22 -11.72
CA SER B 121 1.96 25.29 -11.37
C SER B 121 0.54 24.76 -11.26
N PRO B 122 -0.16 25.05 -10.15
CA PRO B 122 -1.53 24.58 -9.99
C PRO B 122 -2.46 25.14 -11.06
N SER B 123 -3.32 24.28 -11.60
CA SER B 123 -4.19 24.65 -12.70
C SER B 123 -5.66 24.56 -12.35
N GLY B 124 -6.04 23.55 -11.59
CA GLY B 124 -7.44 23.44 -11.23
C GLY B 124 -7.61 22.40 -10.14
N VAL B 125 -8.81 22.40 -9.53
CA VAL B 125 -9.08 21.48 -8.44
C VAL B 125 -10.44 20.85 -8.69
N TYR B 126 -10.53 19.54 -8.43
CA TYR B 126 -11.83 18.89 -8.55
C TYR B 126 -11.87 17.65 -7.68
N GLN B 127 -13.09 17.15 -7.45
CA GLN B 127 -13.32 15.97 -6.64
C GLN B 127 -13.43 14.71 -7.52
N CYS B 128 -12.81 13.60 -7.07
CA CYS B 128 -12.78 12.30 -7.75
C CYS B 128 -13.14 11.23 -6.74
N ALA B 129 -13.50 10.04 -7.22
CA ALA B 129 -13.62 8.87 -6.37
C ALA B 129 -12.69 7.79 -6.90
N MET B 130 -12.14 6.98 -6.00
CA MET B 130 -11.41 5.79 -6.44
C MET B 130 -12.45 4.76 -6.90
N ARG B 131 -12.44 4.42 -8.19
CA ARG B 131 -13.46 3.49 -8.71
C ARG B 131 -13.21 2.08 -8.18
N PRO B 132 -14.25 1.25 -8.16
CA PRO B 132 -14.04 -0.15 -7.76
C PRO B 132 -12.99 -0.86 -8.60
N ASN B 133 -12.79 -0.48 -9.86
CA ASN B 133 -11.74 -1.08 -10.69
C ASN B 133 -10.44 -0.31 -10.59
N PHE B 134 -10.32 0.57 -9.59
CA PHE B 134 -9.08 1.27 -9.24
C PHE B 134 -8.61 2.23 -10.31
N THR B 135 -9.50 2.68 -11.18
CA THR B 135 -9.26 3.86 -12.00
C THR B 135 -9.90 5.06 -11.33
N ILE B 136 -9.61 6.25 -11.86
CA ILE B 136 -10.36 7.44 -11.49
C ILE B 136 -10.78 8.17 -12.77
N LYS B 137 -11.93 8.84 -12.71
CA LYS B 137 -12.40 9.58 -13.87
C LYS B 137 -11.99 11.03 -13.65
N GLY B 138 -10.79 11.36 -14.09
CA GLY B 138 -10.21 12.67 -13.88
C GLY B 138 -10.21 13.50 -15.15
N SER B 139 -9.52 14.62 -15.07
CA SER B 139 -9.35 15.54 -16.19
C SER B 139 -7.88 15.94 -16.17
N PHE B 140 -7.09 15.31 -17.04
CA PHE B 140 -5.65 15.44 -17.02
C PHE B 140 -5.15 15.52 -18.46
N LEU B 141 -4.18 16.38 -18.68
CA LEU B 141 -3.59 16.57 -20.00
C LEU B 141 -2.10 16.21 -19.94
N ASN B 142 -1.43 16.34 -21.08
CA ASN B 142 0.03 16.21 -21.10
C ASN B 142 0.67 17.16 -20.11
N GLY B 143 1.64 16.66 -19.35
CA GLY B 143 2.34 17.46 -18.37
C GLY B 143 1.75 17.39 -16.98
N SER B 144 0.67 16.63 -16.79
CA SER B 144 -0.05 16.58 -15.52
C SER B 144 0.44 15.50 -14.56
N CYS B 145 1.34 14.62 -14.99
CA CYS B 145 1.79 13.60 -14.04
C CYS B 145 2.49 14.24 -12.86
N GLY B 146 2.36 13.60 -11.71
CA GLY B 146 2.85 14.17 -10.48
C GLY B 146 1.83 15.03 -9.76
N SER B 147 0.74 15.39 -10.44
CA SER B 147 -0.39 15.99 -9.72
C SER B 147 -0.84 15.01 -8.65
N VAL B 148 -1.41 15.55 -7.55
CA VAL B 148 -1.74 14.69 -6.41
C VAL B 148 -3.19 14.85 -6.02
N GLY B 149 -3.67 13.80 -5.33
CA GLY B 149 -5.00 13.78 -4.74
C GLY B 149 -4.86 13.72 -3.23
N PHE B 150 -5.84 14.28 -2.52
CA PHE B 150 -5.67 14.47 -1.09
C PHE B 150 -7.02 14.71 -0.45
N ASN B 151 -7.06 14.52 0.85
CA ASN B 151 -8.15 14.98 1.69
C ASN B 151 -7.55 15.84 2.80
N ILE B 152 -8.38 16.67 3.43
CA ILE B 152 -7.94 17.50 4.53
C ILE B 152 -8.85 17.22 5.72
N ASP B 153 -8.25 16.94 6.87
CA ASP B 153 -8.99 16.70 8.10
C ASP B 153 -8.42 17.64 9.15
N TYR B 154 -9.25 18.55 9.65
CA TYR B 154 -8.78 19.66 10.45
C TYR B 154 -7.71 20.43 9.69
N ASP B 155 -6.45 20.29 10.09
CA ASP B 155 -5.35 20.98 9.42
C ASP B 155 -4.32 20.01 8.86
N CYS B 156 -4.71 18.74 8.67
CA CYS B 156 -3.79 17.70 8.22
C CYS B 156 -4.17 17.25 6.82
N VAL B 157 -3.20 17.26 5.91
CA VAL B 157 -3.39 16.82 4.53
C VAL B 157 -3.02 15.34 4.45
N SER B 158 -3.98 14.51 3.99
CA SER B 158 -3.73 13.10 3.74
C SER B 158 -3.57 12.95 2.24
N PHE B 159 -2.35 12.72 1.80
CA PHE B 159 -2.10 12.52 0.38
C PHE B 159 -2.40 11.07 0.03
N CYS B 160 -3.23 10.86 -1.01
CA CYS B 160 -3.61 9.50 -1.35
C CYS B 160 -3.33 9.10 -2.80
N TYR B 161 -2.97 10.04 -3.68
CA TYR B 161 -2.90 9.73 -5.10
C TYR B 161 -1.83 10.59 -5.73
N MET B 162 -1.08 9.99 -6.64
CA MET B 162 -0.18 10.68 -7.56
C MET B 162 -0.45 10.17 -8.96
N HIS B 163 -0.56 11.09 -9.91
CA HIS B 163 -1.06 10.75 -11.23
C HIS B 163 0.06 10.25 -12.16
N HIS B 164 -0.21 9.14 -12.89
CA HIS B 164 0.79 8.61 -13.82
C HIS B 164 0.31 8.36 -15.25
N MET B 165 -0.97 8.09 -15.48
CA MET B 165 -1.34 7.50 -16.78
C MET B 165 -2.79 7.79 -17.13
N GLU B 166 -3.05 7.95 -18.43
CA GLU B 166 -4.39 7.93 -18.99
C GLU B 166 -4.54 6.66 -19.83
N LEU B 167 -5.55 5.86 -19.50
CA LEU B 167 -5.84 4.64 -20.24
C LEU B 167 -6.48 4.97 -21.59
N PRO B 168 -6.44 4.04 -22.53
CA PRO B 168 -7.13 4.25 -23.82
C PRO B 168 -8.58 4.67 -23.72
N THR B 169 -9.29 4.26 -22.68
CA THR B 169 -10.70 4.60 -22.52
C THR B 169 -10.92 6.02 -21.98
N GLY B 170 -9.86 6.71 -21.61
CA GLY B 170 -9.97 8.06 -21.13
C GLY B 170 -9.95 8.21 -19.62
N VAL B 171 -10.03 7.12 -18.87
CA VAL B 171 -9.92 7.18 -17.42
C VAL B 171 -8.44 7.16 -17.04
N HIS B 172 -8.13 7.27 -15.75
CA HIS B 172 -6.80 7.60 -15.29
C HIS B 172 -6.34 6.63 -14.22
N ALA B 173 -5.01 6.50 -14.11
CA ALA B 173 -4.39 5.54 -13.22
C ALA B 173 -3.16 6.17 -12.55
N GLY B 174 -2.96 5.83 -11.30
CA GLY B 174 -1.79 6.32 -10.60
C GLY B 174 -1.52 5.53 -9.36
N THR B 175 -0.69 6.09 -8.51
CA THR B 175 -0.16 5.37 -7.36
C THR B 175 -0.52 6.09 -6.07
N ASP B 176 -0.35 5.39 -4.95
CA ASP B 176 -0.27 6.10 -3.70
C ASP B 176 1.11 6.76 -3.58
N LEU B 177 1.38 7.42 -2.46
CA LEU B 177 2.63 8.16 -2.29
C LEU B 177 3.76 7.26 -1.80
N GLU B 178 3.49 5.97 -1.61
CA GLU B 178 4.53 4.95 -1.56
C GLU B 178 4.86 4.38 -2.92
N GLY B 179 4.24 4.89 -3.99
CA GLY B 179 4.58 4.44 -5.32
C GLY B 179 3.91 3.19 -5.80
N ASN B 180 2.91 2.68 -5.09
CA ASN B 180 2.21 1.47 -5.49
C ASN B 180 0.96 1.85 -6.27
N PHE B 181 0.85 1.31 -7.49
CA PHE B 181 -0.33 1.60 -8.30
C PHE B 181 -1.60 1.16 -7.57
N TYR B 182 -2.65 1.95 -7.74
CA TYR B 182 -4.01 1.44 -7.59
C TYR B 182 -4.35 0.62 -8.82
N GLY B 183 -4.70 -0.63 -8.62
CA GLY B 183 -5.14 -1.44 -9.74
C GLY B 183 -3.99 -2.12 -10.46
N PRO B 184 -4.31 -2.89 -11.52
CA PRO B 184 -3.33 -3.78 -12.15
C PRO B 184 -2.50 -3.13 -13.24
N PHE B 185 -2.14 -1.87 -13.07
CA PHE B 185 -1.48 -1.11 -14.11
C PHE B 185 0.01 -1.02 -13.85
N VAL B 186 0.75 -0.70 -14.91
CA VAL B 186 2.20 -0.55 -14.83
C VAL B 186 2.60 0.70 -15.58
N ASP B 187 3.68 1.34 -15.14
CA ASP B 187 4.13 2.61 -15.73
C ASP B 187 5.04 2.32 -16.92
N ARG B 188 4.41 1.80 -17.98
CA ARG B 188 5.01 1.54 -19.28
C ARG B 188 4.12 2.16 -20.35
N GLN B 189 4.71 2.58 -21.46
CA GLN B 189 3.94 3.23 -22.53
C GLN B 189 3.29 2.16 -23.40
N THR B 190 2.25 1.54 -22.85
CA THR B 190 1.47 0.50 -23.51
C THR B 190 0.00 0.67 -23.19
N ALA B 191 -0.86 0.17 -24.08
CA ALA B 191 -2.29 0.27 -23.90
C ALA B 191 -2.76 -0.77 -22.88
N GLN B 192 -3.42 -0.31 -21.82
CA GLN B 192 -3.84 -1.18 -20.74
C GLN B 192 -5.31 -0.98 -20.47
N ALA B 193 -6.01 -2.10 -20.26
CA ALA B 193 -7.43 -2.09 -19.93
C ALA B 193 -7.60 -2.31 -18.44
N ALA B 194 -8.67 -1.72 -17.89
CA ALA B 194 -9.05 -1.95 -16.51
C ALA B 194 -10.03 -3.12 -16.44
N GLY B 195 -10.21 -3.64 -15.23
CA GLY B 195 -11.33 -4.54 -14.99
C GLY B 195 -12.65 -3.84 -15.19
N THR B 196 -13.71 -4.63 -15.34
CA THR B 196 -15.02 -4.02 -15.57
C THR B 196 -15.41 -3.16 -14.38
N ASP B 197 -15.86 -1.95 -14.66
CA ASP B 197 -16.15 -1.09 -13.54
C ASP B 197 -17.54 -1.39 -13.03
N THR B 198 -17.73 -1.15 -11.74
CA THR B 198 -19.02 -1.29 -11.09
C THR B 198 -19.39 0.05 -10.48
N THR B 199 -20.65 0.19 -10.12
CA THR B 199 -21.15 1.41 -9.49
C THR B 199 -21.08 1.32 -7.97
N ILE B 200 -20.72 2.44 -7.34
CA ILE B 200 -20.50 2.47 -5.89
C ILE B 200 -21.85 2.69 -5.22
N THR B 201 -22.50 1.59 -4.81
CA THR B 201 -23.90 1.61 -4.36
C THR B 201 -24.12 2.48 -3.13
N VAL B 202 -23.26 2.36 -2.11
CA VAL B 202 -23.47 3.16 -0.91
C VAL B 202 -23.44 4.64 -1.25
N ASN B 203 -22.63 5.03 -2.25
CA ASN B 203 -22.57 6.44 -2.65
C ASN B 203 -23.84 6.85 -3.40
N VAL B 204 -24.38 5.96 -4.23
CA VAL B 204 -25.63 6.28 -4.91
C VAL B 204 -26.72 6.52 -3.87
N LEU B 205 -26.77 5.68 -2.83
CA LEU B 205 -27.81 5.86 -1.82
C LEU B 205 -27.60 7.17 -1.06
N ALA B 206 -26.35 7.51 -0.77
CA ALA B 206 -26.08 8.78 -0.11
C ALA B 206 -26.58 9.95 -0.93
N TRP B 207 -26.36 9.89 -2.25
CA TRP B 207 -26.77 10.94 -3.17
C TRP B 207 -28.28 11.01 -3.29
N LEU B 208 -28.96 9.86 -3.24
CA LEU B 208 -30.43 9.88 -3.20
C LEU B 208 -30.93 10.55 -1.93
N TYR B 209 -30.26 10.33 -0.80
CA TYR B 209 -30.64 11.05 0.41
C TYR B 209 -30.42 12.54 0.25
N ALA B 210 -29.28 12.93 -0.33
CA ALA B 210 -29.05 14.35 -0.65
C ALA B 210 -30.18 14.92 -1.51
N ALA B 211 -30.64 14.15 -2.50
CA ALA B 211 -31.72 14.63 -3.35
C ALA B 211 -33.00 14.85 -2.55
N VAL B 212 -33.28 13.94 -1.61
CA VAL B 212 -34.49 14.14 -0.78
C VAL B 212 -34.32 15.36 0.11
N ILE B 213 -33.13 15.53 0.71
CA ILE B 213 -32.86 16.67 1.57
C ILE B 213 -33.04 17.98 0.79
N ASN B 214 -32.80 17.96 -0.51
CA ASN B 214 -32.97 19.17 -1.31
C ASN B 214 -34.29 19.23 -2.05
N GLY B 215 -35.25 18.36 -1.72
CA GLY B 215 -36.60 18.47 -2.22
C GLY B 215 -36.93 17.63 -3.44
N ASP B 216 -36.02 16.77 -3.88
CA ASP B 216 -36.25 15.90 -5.03
C ASP B 216 -36.72 14.56 -4.47
N ARG B 217 -37.98 14.19 -4.76
CA ARG B 217 -38.60 13.02 -4.12
C ARG B 217 -39.34 12.11 -5.08
N TRP B 218 -39.36 12.41 -6.38
CA TRP B 218 -40.22 11.67 -7.30
C TRP B 218 -39.91 10.19 -7.34
N PHE B 219 -38.66 9.80 -7.01
CA PHE B 219 -38.19 8.43 -7.14
C PHE B 219 -38.54 7.56 -5.94
N LEU B 220 -39.09 8.14 -4.89
CA LEU B 220 -39.41 7.36 -3.71
C LEU B 220 -40.62 6.46 -3.98
N ASN B 221 -40.70 5.35 -3.26
CA ASN B 221 -41.86 4.47 -3.34
C ASN B 221 -42.19 3.96 -1.94
N ARG B 222 -43.33 3.28 -1.82
CA ARG B 222 -43.75 2.79 -0.52
C ARG B 222 -43.26 1.37 -0.26
N PHE B 223 -42.52 0.79 -1.19
CA PHE B 223 -42.02 -0.56 -1.05
C PHE B 223 -40.80 -0.61 -0.12
N THR B 224 -40.51 -1.82 0.35
CA THR B 224 -39.31 -2.08 1.13
C THR B 224 -38.71 -3.40 0.63
N THR B 225 -37.44 -3.61 0.96
CA THR B 225 -36.71 -4.78 0.51
C THR B 225 -35.87 -5.28 1.65
N THR B 226 -35.45 -6.54 1.57
CA THR B 226 -34.40 -7.00 2.47
C THR B 226 -33.05 -6.61 1.89
N LEU B 227 -32.04 -6.62 2.75
CA LEU B 227 -30.70 -6.30 2.28
C LEU B 227 -30.21 -7.31 1.25
N ASN B 228 -30.50 -8.60 1.47
CA ASN B 228 -30.04 -9.60 0.52
C ASN B 228 -30.75 -9.48 -0.82
N ASP B 229 -32.06 -9.27 -0.81
CA ASP B 229 -32.77 -9.14 -2.09
C ASP B 229 -32.32 -7.88 -2.83
N PHE B 230 -32.04 -6.82 -2.06
CA PHE B 230 -31.46 -5.65 -2.70
C PHE B 230 -30.14 -6.01 -3.37
N ASN B 231 -29.27 -6.73 -2.65
CA ASN B 231 -27.95 -7.04 -3.20
C ASN B 231 -28.03 -7.97 -4.41
N LEU B 232 -29.02 -8.86 -4.47
CA LEU B 232 -29.19 -9.69 -5.67
C LEU B 232 -29.41 -8.80 -6.88
N VAL B 233 -30.31 -7.82 -6.75
CA VAL B 233 -30.59 -6.93 -7.88
C VAL B 233 -29.39 -6.02 -8.19
N ALA B 234 -28.78 -5.46 -7.15
CA ALA B 234 -27.60 -4.62 -7.35
C ALA B 234 -26.54 -5.36 -8.16
N MET B 235 -26.20 -6.58 -7.75
CA MET B 235 -25.16 -7.33 -8.43
C MET B 235 -25.56 -7.63 -9.87
N LYS B 236 -26.85 -7.88 -10.10
CA LYS B 236 -27.32 -8.08 -11.48
C LYS B 236 -26.98 -6.88 -12.36
N TYR B 237 -27.08 -5.66 -11.80
CA TYR B 237 -26.82 -4.44 -12.56
C TYR B 237 -25.38 -3.93 -12.42
N ASN B 238 -24.45 -4.76 -11.96
CA ASN B 238 -23.05 -4.37 -11.81
C ASN B 238 -22.90 -3.20 -10.83
N TYR B 239 -23.72 -3.24 -9.78
CA TYR B 239 -23.53 -2.40 -8.61
C TYR B 239 -22.81 -3.20 -7.53
N GLU B 240 -21.94 -2.52 -6.78
CA GLU B 240 -21.28 -3.17 -5.64
C GLU B 240 -22.29 -3.58 -4.58
N PRO B 241 -22.02 -4.68 -3.88
CA PRO B 241 -22.90 -5.09 -2.79
C PRO B 241 -22.92 -4.03 -1.69
N LEU B 242 -24.04 -3.93 -1.01
CA LEU B 242 -24.18 -3.05 0.15
C LEU B 242 -23.97 -3.89 1.40
N THR B 243 -23.01 -3.49 2.24
CA THR B 243 -22.76 -4.21 3.48
C THR B 243 -23.51 -3.58 4.66
N GLN B 244 -23.56 -4.31 5.78
CA GLN B 244 -24.18 -3.76 6.97
C GLN B 244 -23.41 -2.55 7.50
N ASP B 245 -22.09 -2.53 7.34
CA ASP B 245 -21.33 -1.32 7.64
C ASP B 245 -21.84 -0.15 6.79
N HIS B 246 -22.11 -0.39 5.51
CA HIS B 246 -22.67 0.68 4.67
C HIS B 246 -24.02 1.13 5.20
N VAL B 247 -24.87 0.17 5.59
CA VAL B 247 -26.17 0.54 6.13
C VAL B 247 -25.98 1.44 7.35
N ASP B 248 -25.03 1.08 8.22
CA ASP B 248 -24.82 1.85 9.45
C ASP B 248 -24.33 3.26 9.13
N ILE B 249 -23.43 3.38 8.16
CA ILE B 249 -22.85 4.68 7.80
C ILE B 249 -23.91 5.61 7.20
N LEU B 250 -24.95 5.04 6.60
CA LEU B 250 -26.04 5.84 6.07
C LEU B 250 -27.04 6.23 7.15
N GLY B 251 -26.86 5.74 8.38
CA GLY B 251 -27.76 5.99 9.49
C GLY B 251 -28.13 7.45 9.71
N PRO B 252 -27.13 8.35 9.78
CA PRO B 252 -27.45 9.77 9.99
C PRO B 252 -28.32 10.38 8.91
N LEU B 253 -28.11 10.00 7.64
CA LEU B 253 -28.96 10.49 6.57
C LEU B 253 -30.36 9.90 6.68
N SER B 254 -30.44 8.64 7.12
CA SER B 254 -31.75 8.02 7.32
C SER B 254 -32.53 8.75 8.41
N ALA B 255 -31.86 9.04 9.51
CA ALA B 255 -32.50 9.78 10.60
C ALA B 255 -32.89 11.19 10.16
N GLN B 256 -32.03 11.87 9.41
CA GLN B 256 -32.34 13.23 9.01
C GLN B 256 -33.56 13.29 8.10
N THR B 257 -33.76 12.27 7.25
CA THR B 257 -34.87 12.25 6.31
C THR B 257 -36.07 11.42 6.77
N GLY B 258 -35.91 10.58 7.79
CA GLY B 258 -37.01 9.69 8.15
C GLY B 258 -37.26 8.57 7.17
N ILE B 259 -36.30 8.27 6.31
CA ILE B 259 -36.43 7.22 5.30
C ILE B 259 -35.44 6.12 5.64
N ALA B 260 -35.97 4.94 5.96
CA ALA B 260 -35.11 3.82 6.32
C ALA B 260 -34.19 3.49 5.16
N VAL B 261 -32.98 3.05 5.50
CA VAL B 261 -32.01 2.71 4.45
C VAL B 261 -32.60 1.68 3.49
N LEU B 262 -33.22 0.62 4.02
CA LEU B 262 -33.80 -0.37 3.11
C LEU B 262 -34.98 0.16 2.30
N ASP B 263 -35.68 1.20 2.75
CA ASP B 263 -36.69 1.84 1.91
C ASP B 263 -36.03 2.57 0.75
N MET B 264 -34.90 3.23 1.02
CA MET B 264 -34.18 3.87 -0.07
C MET B 264 -33.64 2.83 -1.02
N CYS B 265 -33.24 1.67 -0.51
CA CYS B 265 -32.80 0.57 -1.38
C CYS B 265 -33.91 0.14 -2.32
N ALA B 266 -35.13 0.06 -1.80
CA ALA B 266 -36.25 -0.29 -2.68
C ALA B 266 -36.43 0.75 -3.78
N SER B 267 -36.22 2.03 -3.44
CA SER B 267 -36.29 3.06 -4.47
C SER B 267 -35.21 2.87 -5.52
N LEU B 268 -33.97 2.60 -5.07
CA LEU B 268 -32.88 2.38 -6.01
C LEU B 268 -33.15 1.17 -6.91
N LYS B 269 -33.67 0.08 -6.35
CA LYS B 269 -33.99 -1.10 -7.15
C LYS B 269 -35.00 -0.76 -8.25
N GLU B 270 -36.04 0.02 -7.91
CA GLU B 270 -36.99 0.45 -8.92
C GLU B 270 -36.30 1.27 -10.00
N LEU B 271 -35.42 2.20 -9.61
CA LEU B 271 -34.69 3.00 -10.60
C LEU B 271 -33.83 2.12 -11.50
N LEU B 272 -33.22 1.07 -10.94
CA LEU B 272 -32.35 0.23 -11.74
C LEU B 272 -33.12 -0.55 -12.77
N GLN B 273 -34.28 -1.09 -12.41
CA GLN B 273 -34.97 -1.90 -13.39
C GLN B 273 -36.02 -1.15 -14.20
N ASN B 274 -36.24 0.14 -13.94
CA ASN B 274 -37.16 0.97 -14.72
C ASN B 274 -36.52 2.16 -15.41
N GLY B 275 -35.35 2.61 -14.96
CA GLY B 275 -34.79 3.83 -15.49
C GLY B 275 -35.44 5.06 -14.89
N MET B 276 -35.00 6.22 -15.38
CA MET B 276 -35.49 7.49 -14.87
C MET B 276 -36.59 8.09 -15.73
N ASN B 277 -36.91 7.48 -16.88
CA ASN B 277 -37.95 7.96 -17.80
C ASN B 277 -37.72 9.42 -18.17
N GLY B 278 -36.48 9.74 -18.56
CA GLY B 278 -36.14 11.08 -18.97
C GLY B 278 -36.21 12.11 -17.88
N ARG B 279 -36.42 11.67 -16.64
CA ARG B 279 -36.41 12.59 -15.51
C ARG B 279 -34.99 12.76 -15.00
N THR B 280 -34.83 13.71 -14.07
CA THR B 280 -33.52 14.01 -13.51
C THR B 280 -33.58 14.01 -11.99
N ILE B 281 -32.42 13.77 -11.37
CA ILE B 281 -32.27 13.84 -9.93
C ILE B 281 -31.12 14.77 -9.65
N LEU B 282 -31.37 15.83 -8.88
CA LEU B 282 -30.35 16.84 -8.62
C LEU B 282 -29.68 17.29 -9.92
N GLY B 283 -30.49 17.44 -10.97
CA GLY B 283 -30.03 17.91 -12.26
C GLY B 283 -29.27 16.89 -13.10
N SER B 284 -29.17 15.65 -12.63
CA SER B 284 -28.44 14.61 -13.35
C SER B 284 -29.41 13.65 -14.04
N ALA B 285 -29.06 13.25 -15.27
CA ALA B 285 -29.78 12.20 -15.98
C ALA B 285 -29.24 10.81 -15.69
N LEU B 286 -28.18 10.70 -14.88
CA LEU B 286 -27.61 9.42 -14.48
C LEU B 286 -27.49 9.36 -12.96
N LEU B 287 -27.41 8.15 -12.41
CA LEU B 287 -27.27 7.99 -10.96
C LEU B 287 -25.81 8.22 -10.57
N GLU B 288 -25.60 9.23 -9.73
CA GLU B 288 -24.28 9.71 -9.37
C GLU B 288 -23.72 8.86 -8.23
N ASP B 289 -22.44 8.42 -8.36
CA ASP B 289 -21.88 7.54 -7.34
C ASP B 289 -20.55 8.04 -6.77
N GLU B 290 -20.24 9.33 -6.94
CA GLU B 290 -18.99 9.86 -6.39
C GLU B 290 -19.20 10.86 -5.25
N PHE B 291 -20.28 10.71 -4.48
CA PHE B 291 -20.44 11.35 -3.18
C PHE B 291 -20.50 10.27 -2.10
N THR B 292 -19.60 10.32 -1.13
CA THR B 292 -19.70 9.41 -0.01
C THR B 292 -20.79 9.88 0.97
N PRO B 293 -21.25 9.00 1.86
CA PRO B 293 -22.12 9.46 2.95
C PRO B 293 -21.56 10.62 3.73
N PHE B 294 -20.24 10.61 3.98
CA PHE B 294 -19.60 11.71 4.71
C PHE B 294 -19.67 12.99 3.91
N ASP B 295 -19.41 12.92 2.60
CA ASP B 295 -19.53 14.10 1.76
C ASP B 295 -20.92 14.72 1.89
N VAL B 296 -21.97 13.88 1.85
CA VAL B 296 -23.33 14.39 1.94
C VAL B 296 -23.63 14.96 3.32
N VAL B 297 -23.23 14.26 4.39
CA VAL B 297 -23.51 14.75 5.74
C VAL B 297 -22.82 16.09 5.96
N ARG B 298 -21.56 16.19 5.54
CA ARG B 298 -20.80 17.41 5.70
C ARG B 298 -21.46 18.56 4.94
N GLN B 299 -21.94 18.28 3.73
CA GLN B 299 -22.50 19.37 2.97
C GLN B 299 -23.90 19.74 3.43
N CYS B 300 -24.68 18.78 3.94
CA CYS B 300 -26.11 18.96 4.19
C CYS B 300 -26.46 18.95 5.67
N SER B 301 -25.51 19.25 6.55
CA SER B 301 -25.79 19.22 7.99
C SER B 301 -26.68 20.39 8.38
N GLY B 302 -27.90 20.08 8.81
CA GLY B 302 -28.85 21.11 9.21
C GLY B 302 -29.94 21.33 8.18
C ACE C 1 -2.86 -14.75 21.26
O ACE C 1 -1.90 -14.11 20.94
CH3 ACE C 1 -2.78 -15.84 22.32
N ABA C 2 -4.12 -14.48 20.63
CA ABA C 2 -4.18 -13.44 19.65
C ABA C 2 -4.04 -12.10 20.37
O ABA C 2 -4.18 -11.99 21.56
CB ABA C 2 -5.53 -13.49 18.94
CG ABA C 2 -6.71 -13.36 19.90
N DTY C 3 -3.75 -10.95 19.57
CA DTY C 3 -3.61 -9.64 20.15
C DTY C 3 -2.16 -9.18 20.12
O DTY C 3 -1.36 -9.74 19.43
CB DTY C 3 -4.47 -8.70 19.32
CG DTY C 3 -5.94 -9.04 19.61
CD1 DTY C 3 -6.55 -8.52 20.74
CD2 DTY C 3 -6.64 -9.90 18.77
CE1 DTY C 3 -7.87 -8.84 21.03
CE2 DTY C 3 -7.96 -10.22 19.06
CZ DTY C 3 -8.58 -9.69 20.18
OH DTY C 3 -9.91 -10.03 20.47
N LEU C 4 -1.82 -8.06 20.95
CA LEU C 4 -0.44 -7.56 20.99
C LEU C 4 0.37 -8.73 21.51
C30 A1AMA C 5 2.27 -10.23 21.45
C31 A1AMA C 5 2.68 -11.15 20.30
C32 A1AMA C 5 1.48 -12.00 19.98
C33 A1AMA C 5 1.95 -13.19 19.17
C36 A1AMA C 5 3.46 -10.10 22.42
C37 A1AMA C 5 3.62 -8.71 23.09
C39 A1AMA C 5 4.85 -8.08 25.56
N29 A1AMA C 5 1.65 -9.00 20.91
N34 A1AMA C 5 1.73 -14.48 19.76
O35 A1AMA C 5 2.47 -13.02 18.10
O40 A1AMA C 5 4.21 -10.68 24.80
O41 A1AMA C 5 6.28 -9.47 23.63
S38 A1AMA C 5 4.80 -9.29 24.23
C ACE D 1 -2.91 10.88 -24.12
O ACE D 1 -2.53 10.92 -22.98
CH3 ACE D 1 -2.81 12.12 -25.01
N ABA D 2 -3.47 9.65 -24.64
CA ABA D 2 -3.53 8.50 -23.76
C ABA D 2 -2.09 8.00 -23.52
O ABA D 2 -1.18 8.35 -24.21
CB ABA D 2 -4.45 7.43 -24.33
CG ABA D 2 -3.89 6.75 -25.57
N DTY D 3 -1.82 7.12 -22.41
CA DTY D 3 -0.47 6.64 -22.14
C DTY D 3 0.06 7.30 -20.87
O DTY D 3 -0.68 7.80 -20.08
CB DTY D 3 -0.51 5.12 -21.97
CG DTY D 3 -0.75 4.49 -23.34
CD1 DTY D 3 -2.05 4.26 -23.77
CD2 DTY D 3 0.32 4.19 -24.17
CE1 DTY D 3 -2.28 3.70 -25.01
CE2 DTY D 3 0.08 3.62 -25.41
CZ DTY D 3 -1.22 3.38 -25.83
OH DTY D 3 -1.47 2.82 -27.09
N LEU D 4 1.47 7.29 -20.62
CA LEU D 4 2.04 7.90 -19.45
C LEU D 4 1.74 9.38 -19.60
C30 A1AMA D 5 0.97 11.51 -18.46
C31 A1AMA D 5 -0.52 11.69 -18.13
C32 A1AMA D 5 -1.41 11.44 -19.34
C33 A1AMA D 5 -2.79 12.03 -19.10
C36 A1AMA D 5 1.85 12.20 -17.43
C37 A1AMA D 5 3.27 12.17 -17.98
C39 A1AMA D 5 5.63 13.60 -18.71
N29 A1AMA D 5 1.29 10.09 -18.43
N34 A1AMA D 5 -3.48 12.72 -20.16
O35 A1AMA D 5 -3.31 11.87 -18.04
O40 A1AMA D 5 3.66 14.85 -17.08
O41 A1AMA D 5 3.15 14.36 -19.75
S38 A1AMA D 5 3.85 13.86 -18.37
#